data_8EOZ
#
_entry.id   8EOZ
#
_cell.length_a   68.225
_cell.length_b   68.225
_cell.length_c   139.038
_cell.angle_alpha   90.000
_cell.angle_beta   90.000
_cell.angle_gamma   120.000
#
_symmetry.space_group_name_H-M   'H 3'
#
_entity_poly.entity_id   1
_entity_poly.type   'polypeptide(L)'
_entity_poly.pdbx_seq_one_letter_code
;MEEVKKKLEEVWKKAKEDAGDNEKFLELLELILENPEILEILELYVFINKEDVVEKLFDVIKKAVEDAGDNEKFLELLKE
MLSNPEIFEILLEYVYIKKEDVVEKLFEVIKQAVEDAGDNPVFLKLLKKMISNPEIFEILLEYVYIGKEEVVKKFFEVIK
QAVEDAGNNPIFLKLLEKIILDPERFKKLLEKVEVGEEEEVKAEFKEIKKAVEEAGNDPIKLKELEEKLGSWLEHHHHHH
;
_entity_poly.pdbx_strand_id   B
#
# COMPACT_ATOMS: atom_id res chain seq x y z
N GLU A 3 14.00 -20.51 -24.11
CA GLU A 3 13.81 -21.20 -22.84
C GLU A 3 12.96 -20.38 -21.88
N VAL A 4 13.19 -19.06 -21.86
CA VAL A 4 12.47 -18.19 -20.93
C VAL A 4 10.98 -18.19 -21.22
N LYS A 5 10.58 -18.32 -22.49
CA LYS A 5 9.17 -18.38 -22.82
C LYS A 5 8.54 -19.68 -22.33
N LYS A 6 9.29 -20.78 -22.37
CA LYS A 6 8.76 -22.06 -21.92
C LYS A 6 8.68 -22.11 -20.39
N LYS A 7 9.67 -21.54 -19.71
CA LYS A 7 9.64 -21.54 -18.25
C LYS A 7 8.44 -20.78 -17.71
N LEU A 8 8.12 -19.63 -18.32
CA LEU A 8 7.03 -18.81 -17.81
C LEU A 8 5.67 -19.45 -18.08
N GLU A 9 5.44 -19.91 -19.31
CA GLU A 9 4.16 -20.53 -19.64
C GLU A 9 3.95 -21.82 -18.86
N GLU A 10 5.04 -22.47 -18.43
CA GLU A 10 4.89 -23.60 -17.51
C GLU A 10 4.45 -23.11 -16.13
N VAL A 11 5.05 -22.02 -15.65
CA VAL A 11 4.64 -21.45 -14.37
C VAL A 11 3.21 -20.94 -14.45
N TRP A 12 2.83 -20.39 -15.61
CA TRP A 12 1.45 -19.94 -15.80
C TRP A 12 0.49 -21.11 -15.72
N LYS A 13 0.66 -22.09 -16.61
CA LYS A 13 -0.28 -23.21 -16.67
C LYS A 13 -0.26 -24.05 -15.39
N LYS A 14 0.83 -24.02 -14.63
CA LYS A 14 0.90 -24.75 -13.38
C LYS A 14 -0.04 -24.16 -12.34
N ALA A 15 0.22 -22.92 -11.92
CA ALA A 15 -0.61 -22.30 -10.89
C ALA A 15 -2.03 -22.06 -11.37
N LYS A 16 -2.23 -21.89 -12.68
CA LYS A 16 -3.57 -21.75 -13.22
C LYS A 16 -4.38 -23.02 -13.02
N GLU A 17 -3.79 -24.18 -13.33
CA GLU A 17 -4.50 -25.44 -13.19
C GLU A 17 -4.70 -25.81 -11.73
N ASP A 18 -3.71 -25.53 -10.88
CA ASP A 18 -3.80 -25.89 -9.46
C ASP A 18 -4.82 -25.06 -8.70
N ALA A 19 -5.26 -23.93 -9.26
CA ALA A 19 -6.23 -23.06 -8.60
C ALA A 19 -7.29 -22.65 -9.63
N GLY A 20 -8.37 -23.42 -9.67
CA GLY A 20 -9.48 -23.12 -10.56
C GLY A 20 -10.67 -22.54 -9.83
N ASP A 21 -10.85 -22.96 -8.57
CA ASP A 21 -11.96 -22.44 -7.76
C ASP A 21 -11.75 -20.99 -7.35
N ASN A 22 -10.52 -20.48 -7.44
CA ASN A 22 -10.20 -19.11 -7.05
C ASN A 22 -10.25 -18.26 -8.32
N GLU A 23 -11.42 -17.69 -8.60
CA GLU A 23 -11.58 -16.85 -9.78
C GLU A 23 -10.86 -15.52 -9.61
N LYS A 24 -10.73 -15.03 -8.37
CA LYS A 24 -10.11 -13.74 -8.14
C LYS A 24 -8.61 -13.78 -8.42
N PHE A 25 -7.97 -14.94 -8.23
CA PHE A 25 -6.56 -15.07 -8.55
C PHE A 25 -6.34 -15.31 -10.05
N LEU A 26 -7.31 -15.93 -10.72
CA LEU A 26 -7.18 -16.14 -12.16
C LEU A 26 -7.32 -14.83 -12.93
N GLU A 27 -8.27 -13.98 -12.53
CA GLU A 27 -8.45 -12.71 -13.20
C GLU A 27 -7.34 -11.72 -12.86
N LEU A 28 -6.67 -11.90 -11.73
CA LEU A 28 -5.55 -11.07 -11.31
C LEU A 28 -4.23 -11.53 -11.94
N LEU A 29 -4.08 -12.83 -12.17
CA LEU A 29 -2.86 -13.32 -12.80
C LEU A 29 -2.74 -12.83 -14.24
N GLU A 30 -3.87 -12.61 -14.92
CA GLU A 30 -3.83 -12.13 -16.30
C GLU A 30 -3.52 -10.65 -16.37
N LEU A 31 -3.86 -9.88 -15.33
CA LEU A 31 -3.41 -8.50 -15.26
C LEU A 31 -1.89 -8.43 -15.16
N ILE A 32 -1.28 -9.39 -14.46
CA ILE A 32 0.16 -9.42 -14.34
C ILE A 32 0.81 -9.74 -15.68
N LEU A 33 0.20 -10.65 -16.45
CA LEU A 33 0.77 -11.01 -17.74
C LEU A 33 0.56 -9.92 -18.79
N GLU A 34 -0.58 -9.22 -18.73
CA GLU A 34 -0.87 -8.19 -19.73
C GLU A 34 -0.06 -6.93 -19.53
N ASN A 35 0.59 -6.76 -18.37
CA ASN A 35 1.37 -5.57 -18.09
C ASN A 35 2.79 -5.79 -18.60
N PRO A 36 3.20 -5.15 -19.71
CA PRO A 36 4.53 -5.44 -20.27
C PRO A 36 5.67 -5.05 -19.35
N GLU A 37 5.48 -4.05 -18.48
CA GLU A 37 6.55 -3.63 -17.58
C GLU A 37 6.84 -4.69 -16.53
N ILE A 38 5.79 -5.22 -15.88
CA ILE A 38 6.02 -6.23 -14.86
C ILE A 38 6.18 -7.63 -15.45
N LEU A 39 5.67 -7.87 -16.66
CA LEU A 39 6.02 -9.10 -17.36
C LEU A 39 7.49 -9.10 -17.75
N GLU A 40 8.05 -7.92 -18.02
CA GLU A 40 9.48 -7.83 -18.28
C GLU A 40 10.31 -8.17 -17.04
N ILE A 41 9.76 -7.92 -15.85
CA ILE A 41 10.45 -8.31 -14.62
C ILE A 41 10.45 -9.82 -14.46
N LEU A 42 9.32 -10.47 -14.77
CA LEU A 42 9.23 -11.92 -14.65
C LEU A 42 10.18 -12.60 -15.63
N GLU A 43 10.30 -12.06 -16.85
CA GLU A 43 11.18 -12.64 -17.84
C GLU A 43 12.65 -12.49 -17.46
N LEU A 44 13.01 -11.39 -16.79
CA LEU A 44 14.37 -11.24 -16.28
C LEU A 44 14.62 -12.13 -15.08
N TYR A 45 13.56 -12.54 -14.37
CA TYR A 45 13.72 -13.37 -13.19
C TYR A 45 13.75 -14.86 -13.51
N VAL A 46 13.39 -15.27 -14.72
CA VAL A 46 13.56 -16.67 -15.10
C VAL A 46 14.91 -16.90 -15.77
N PHE A 47 15.42 -15.90 -16.50
CA PHE A 47 16.79 -15.97 -17.01
C PHE A 47 17.82 -15.90 -15.88
N ILE A 48 17.43 -15.34 -14.73
CA ILE A 48 18.33 -15.19 -13.59
C ILE A 48 18.20 -16.43 -12.71
N ASN A 49 17.45 -17.42 -13.18
CA ASN A 49 17.32 -18.73 -12.53
C ASN A 49 16.58 -18.66 -11.19
N LYS A 50 15.65 -17.71 -11.05
CA LYS A 50 14.79 -17.71 -9.87
C LYS A 50 13.61 -18.63 -10.08
N GLU A 51 12.57 -18.15 -10.77
CA GLU A 51 11.38 -18.95 -11.08
C GLU A 51 10.63 -19.33 -9.82
N ASP A 52 11.32 -19.95 -8.85
CA ASP A 52 10.69 -20.22 -7.56
C ASP A 52 10.34 -18.93 -6.83
N VAL A 53 11.15 -17.89 -7.02
CA VAL A 53 10.81 -16.58 -6.44
C VAL A 53 9.52 -16.06 -7.06
N VAL A 54 9.36 -16.25 -8.37
CA VAL A 54 8.10 -15.89 -9.02
C VAL A 54 6.99 -16.86 -8.60
N GLU A 55 7.33 -18.14 -8.42
CA GLU A 55 6.33 -19.12 -8.02
C GLU A 55 5.87 -18.89 -6.58
N LYS A 56 6.76 -18.39 -5.71
CA LYS A 56 6.35 -18.11 -4.34
C LYS A 56 5.56 -16.80 -4.24
N LEU A 57 5.86 -15.83 -5.09
CA LEU A 57 5.11 -14.58 -5.07
C LEU A 57 3.67 -14.80 -5.52
N PHE A 58 3.47 -15.69 -6.50
CA PHE A 58 2.11 -16.02 -6.92
C PHE A 58 1.31 -16.66 -5.79
N ASP A 59 1.96 -17.51 -4.99
CA ASP A 59 1.26 -18.16 -3.89
C ASP A 59 0.93 -17.19 -2.77
N VAL A 60 1.77 -16.18 -2.56
CA VAL A 60 1.48 -15.17 -1.54
C VAL A 60 0.22 -14.40 -1.91
N ILE A 61 0.12 -13.96 -3.17
CA ILE A 61 -1.06 -13.22 -3.59
C ILE A 61 -2.25 -14.16 -3.78
N LYS A 62 -2.00 -15.43 -4.08
CA LYS A 62 -3.10 -16.40 -4.13
C LYS A 62 -3.68 -16.64 -2.75
N LYS A 63 -2.81 -16.77 -1.74
CA LYS A 63 -3.28 -16.88 -0.36
C LYS A 63 -3.78 -15.55 0.18
N ALA A 64 -3.57 -14.44 -0.55
CA ALA A 64 -4.07 -13.14 -0.17
C ALA A 64 -5.48 -12.91 -0.70
N VAL A 65 -5.72 -13.23 -1.97
CA VAL A 65 -7.07 -13.11 -2.52
C VAL A 65 -8.00 -14.16 -1.94
N GLU A 66 -7.45 -15.25 -1.39
CA GLU A 66 -8.29 -16.27 -0.75
C GLU A 66 -8.64 -15.86 0.68
N ASP A 67 -7.71 -15.23 1.40
CA ASP A 67 -7.98 -14.80 2.76
C ASP A 67 -9.04 -13.70 2.78
N ALA A 68 -8.83 -12.63 2.00
CA ALA A 68 -9.82 -11.56 1.93
C ALA A 68 -11.12 -12.04 1.31
N GLY A 69 -11.05 -12.97 0.36
CA GLY A 69 -12.27 -13.46 -0.26
C GLY A 69 -12.94 -12.39 -1.07
N ASP A 70 -14.23 -12.17 -0.80
CA ASP A 70 -15.03 -11.20 -1.54
C ASP A 70 -14.94 -9.81 -0.91
N ASN A 71 -13.71 -9.34 -0.71
CA ASN A 71 -13.45 -7.97 -0.24
C ASN A 71 -12.99 -7.18 -1.46
N GLU A 72 -13.95 -6.57 -2.16
CA GLU A 72 -13.65 -5.91 -3.42
C GLU A 72 -12.81 -4.66 -3.23
N LYS A 73 -12.96 -3.97 -2.10
CA LYS A 73 -12.16 -2.79 -1.82
C LYS A 73 -10.70 -3.12 -1.51
N PHE A 74 -10.37 -4.39 -1.33
CA PHE A 74 -8.98 -4.81 -1.18
C PHE A 74 -8.42 -5.41 -2.46
N LEU A 75 -9.25 -6.01 -3.31
CA LEU A 75 -8.78 -6.56 -4.57
C LEU A 75 -8.30 -5.46 -5.51
N GLU A 76 -9.04 -4.34 -5.56
CA GLU A 76 -8.60 -3.23 -6.40
C GLU A 76 -7.31 -2.61 -5.87
N LEU A 77 -7.04 -2.73 -4.56
CA LEU A 77 -5.74 -2.32 -4.05
C LEU A 77 -4.63 -3.17 -4.65
N LEU A 78 -4.79 -4.50 -4.57
CA LEU A 78 -3.78 -5.40 -5.11
C LEU A 78 -3.55 -5.16 -6.59
N LYS A 79 -4.59 -4.80 -7.34
CA LYS A 79 -4.40 -4.48 -8.75
C LYS A 79 -3.55 -3.22 -8.92
N GLU A 80 -3.75 -2.23 -8.04
CA GLU A 80 -2.94 -1.03 -8.10
C GLU A 80 -1.51 -1.30 -7.64
N MET A 81 -1.33 -2.18 -6.66
CA MET A 81 0.02 -2.50 -6.18
C MET A 81 0.76 -3.38 -7.17
N LEU A 82 0.12 -4.45 -7.64
CA LEU A 82 0.78 -5.36 -8.57
C LEU A 82 0.97 -4.75 -9.95
N SER A 83 0.25 -3.67 -10.26
CA SER A 83 0.47 -2.99 -11.54
C SER A 83 1.71 -2.10 -11.50
N ASN A 84 2.05 -1.58 -10.33
CA ASN A 84 3.24 -0.75 -10.20
C ASN A 84 4.47 -1.60 -10.41
N PRO A 85 5.32 -1.30 -11.40
CA PRO A 85 6.49 -2.16 -11.65
C PRO A 85 7.51 -2.13 -10.53
N GLU A 86 7.58 -1.05 -9.75
CA GLU A 86 8.56 -1.02 -8.65
C GLU A 86 8.03 -1.73 -7.41
N ILE A 87 6.73 -1.57 -7.12
CA ILE A 87 6.14 -2.30 -6.01
C ILE A 87 6.17 -3.80 -6.27
N PHE A 88 5.86 -4.20 -7.50
CA PHE A 88 5.90 -5.62 -7.84
C PHE A 88 7.31 -6.18 -7.75
N GLU A 89 8.32 -5.34 -8.03
CA GLU A 89 9.70 -5.81 -8.01
C GLU A 89 10.27 -5.83 -6.60
N ILE A 90 9.88 -4.87 -5.75
CA ILE A 90 10.32 -4.92 -4.36
C ILE A 90 9.65 -6.07 -3.61
N LEU A 91 8.56 -6.61 -4.14
CA LEU A 91 8.00 -7.85 -3.61
C LEU A 91 8.82 -9.06 -4.02
N LEU A 92 9.23 -9.12 -5.29
CA LEU A 92 10.11 -10.19 -5.75
C LEU A 92 11.43 -10.19 -5.00
N GLU A 93 11.87 -9.02 -4.53
CA GLU A 93 13.09 -8.95 -3.75
C GLU A 93 12.85 -9.24 -2.27
N TYR A 94 11.60 -9.17 -1.81
CA TYR A 94 11.23 -9.65 -0.50
C TYR A 94 10.80 -11.12 -0.52
N VAL A 95 11.11 -11.84 -1.59
CA VAL A 95 10.92 -13.28 -1.65
C VAL A 95 12.24 -14.01 -1.85
N TYR A 96 13.16 -13.41 -2.61
CA TYR A 96 14.51 -13.94 -2.70
C TYR A 96 15.22 -13.84 -1.36
N ILE A 97 14.94 -12.77 -0.61
CA ILE A 97 15.41 -12.63 0.76
C ILE A 97 14.72 -13.61 1.71
N LYS A 98 13.69 -14.31 1.22
CA LYS A 98 12.93 -15.31 1.97
C LYS A 98 12.02 -14.66 3.01
N LYS A 99 11.51 -13.46 2.72
CA LYS A 99 10.59 -12.75 3.60
C LYS A 99 9.16 -12.78 3.09
N GLU A 100 8.71 -13.92 2.58
CA GLU A 100 7.32 -14.06 2.14
C GLU A 100 6.34 -13.87 3.29
N ASP A 101 6.79 -14.05 4.53
CA ASP A 101 5.92 -13.84 5.69
C ASP A 101 5.77 -12.36 6.02
N VAL A 102 6.83 -11.58 5.87
CA VAL A 102 6.72 -10.14 6.13
C VAL A 102 5.80 -9.48 5.11
N VAL A 103 5.78 -9.97 3.88
CA VAL A 103 4.86 -9.44 2.88
C VAL A 103 3.42 -9.82 3.22
N GLU A 104 3.21 -11.06 3.66
CA GLU A 104 1.85 -11.51 3.95
C GLU A 104 1.24 -10.72 5.09
N LYS A 105 2.05 -10.35 6.08
CA LYS A 105 1.54 -9.56 7.20
C LYS A 105 1.09 -8.19 6.73
N LEU A 106 1.92 -7.48 5.96
CA LEU A 106 1.55 -6.18 5.46
C LEU A 106 0.35 -6.26 4.51
N PHE A 107 0.26 -7.35 3.74
CA PHE A 107 -0.90 -7.54 2.87
C PHE A 107 -2.20 -7.66 3.65
N GLU A 108 -2.13 -8.05 4.92
CA GLU A 108 -3.34 -8.20 5.73
C GLU A 108 -3.63 -6.99 6.60
N VAL A 109 -2.62 -6.20 6.97
CA VAL A 109 -2.89 -5.01 7.78
C VAL A 109 -3.57 -3.94 6.94
N ILE A 110 -3.35 -3.95 5.62
CA ILE A 110 -4.07 -3.02 4.75
C ILE A 110 -5.49 -3.53 4.49
N LYS A 111 -5.68 -4.85 4.54
CA LYS A 111 -7.04 -5.39 4.46
C LYS A 111 -7.83 -5.00 5.71
N GLN A 112 -7.18 -4.97 6.87
CA GLN A 112 -7.86 -4.54 8.09
C GLN A 112 -8.18 -3.04 8.04
N ALA A 113 -7.29 -2.24 7.47
CA ALA A 113 -7.58 -0.83 7.26
C ALA A 113 -8.74 -0.64 6.28
N VAL A 114 -8.89 -1.56 5.32
CA VAL A 114 -10.02 -1.49 4.40
C VAL A 114 -11.30 -1.90 5.10
N GLU A 115 -11.25 -2.99 5.89
CA GLU A 115 -12.42 -3.40 6.64
C GLU A 115 -12.82 -2.35 7.67
N ASP A 116 -11.83 -1.67 8.27
CA ASP A 116 -12.12 -0.59 9.20
C ASP A 116 -12.52 0.70 8.49
N ALA A 117 -12.19 0.83 7.20
CA ALA A 117 -12.53 2.04 6.46
C ALA A 117 -14.05 2.25 6.44
N GLY A 118 -14.79 1.27 5.95
CA GLY A 118 -16.24 1.35 5.94
C GLY A 118 -16.79 2.48 5.10
N ASP A 119 -16.67 2.36 3.78
CA ASP A 119 -17.18 3.36 2.84
C ASP A 119 -16.59 4.75 3.11
N ASN A 120 -15.26 4.79 3.24
CA ASN A 120 -14.52 6.05 3.37
C ASN A 120 -13.57 6.12 2.17
N PRO A 121 -14.09 6.53 1.00
CA PRO A 121 -13.24 6.52 -0.20
C PRO A 121 -12.09 7.51 -0.16
N VAL A 122 -12.15 8.53 0.71
CA VAL A 122 -11.03 9.45 0.83
C VAL A 122 -9.85 8.75 1.51
N PHE A 123 -10.13 7.93 2.51
CA PHE A 123 -9.07 7.14 3.13
C PHE A 123 -8.56 6.04 2.21
N LEU A 124 -9.43 5.50 1.35
CA LEU A 124 -8.99 4.51 0.38
C LEU A 124 -8.03 5.11 -0.63
N LYS A 125 -8.30 6.34 -1.07
CA LYS A 125 -7.39 7.02 -1.99
C LYS A 125 -6.05 7.31 -1.33
N LEU A 126 -6.07 7.71 -0.05
CA LEU A 126 -4.83 7.90 0.68
C LEU A 126 -4.09 6.58 0.87
N LEU A 127 -4.84 5.50 1.07
CA LEU A 127 -4.21 4.20 1.24
C LEU A 127 -3.54 3.75 -0.06
N LYS A 128 -4.24 3.89 -1.19
CA LYS A 128 -3.62 3.57 -2.48
C LYS A 128 -2.41 4.46 -2.73
N LYS A 129 -2.47 5.72 -2.32
CA LYS A 129 -1.43 6.67 -2.68
C LYS A 129 -0.12 6.39 -1.93
N MET A 130 -0.20 5.87 -0.72
CA MET A 130 1.02 5.62 0.04
C MET A 130 1.57 4.22 -0.15
N ILE A 131 0.70 3.20 -0.31
CA ILE A 131 1.19 1.86 -0.60
C ILE A 131 1.66 1.70 -2.03
N SER A 132 1.46 2.72 -2.88
CA SER A 132 2.03 2.73 -4.23
C SER A 132 3.34 3.49 -4.29
N ASN A 133 3.70 4.22 -3.24
CA ASN A 133 4.99 4.88 -3.18
C ASN A 133 6.07 3.87 -2.81
N PRO A 134 7.10 3.67 -3.63
CA PRO A 134 8.12 2.66 -3.31
C PRO A 134 8.80 2.90 -1.96
N GLU A 135 9.15 4.14 -1.65
CA GLU A 135 9.81 4.42 -0.38
C GLU A 135 8.89 4.15 0.79
N ILE A 136 7.62 4.55 0.69
CA ILE A 136 6.67 4.32 1.76
C ILE A 136 6.36 2.83 1.89
N PHE A 137 6.24 2.13 0.76
CA PHE A 137 5.94 0.70 0.82
C PHE A 137 7.09 -0.08 1.45
N GLU A 138 8.33 0.30 1.15
CA GLU A 138 9.47 -0.33 1.79
C GLU A 138 9.49 -0.06 3.29
N ILE A 139 9.13 1.17 3.69
CA ILE A 139 9.10 1.51 5.11
C ILE A 139 8.07 0.67 5.85
N LEU A 140 6.92 0.41 5.22
CA LEU A 140 5.90 -0.40 5.86
C LEU A 140 6.35 -1.85 6.01
N LEU A 141 7.07 -2.38 5.01
CA LEU A 141 7.64 -3.72 5.14
C LEU A 141 8.71 -3.76 6.21
N GLU A 142 9.57 -2.73 6.26
CA GLU A 142 10.67 -2.71 7.22
C GLU A 142 10.19 -2.54 8.65
N TYR A 143 8.99 -2.00 8.85
CA TYR A 143 8.43 -1.90 10.20
C TYR A 143 7.77 -3.21 10.65
N VAL A 144 7.37 -4.05 9.70
CA VAL A 144 6.73 -5.32 10.04
C VAL A 144 7.76 -6.42 10.29
N TYR A 145 8.88 -6.41 9.54
CA TYR A 145 9.91 -7.41 9.74
C TYR A 145 10.51 -7.33 11.15
N ILE A 146 10.66 -6.11 11.67
CA ILE A 146 11.13 -5.95 13.05
C ILE A 146 10.12 -6.52 14.03
N GLY A 147 8.83 -6.45 13.70
CA GLY A 147 7.76 -6.87 14.58
C GLY A 147 6.80 -5.76 14.95
N LYS A 148 7.21 -4.51 14.80
CA LYS A 148 6.34 -3.36 15.05
C LYS A 148 5.27 -3.26 13.98
N GLU A 149 4.31 -4.18 14.00
CA GLU A 149 3.25 -4.22 13.00
C GLU A 149 2.04 -3.40 13.40
N GLU A 150 1.76 -3.29 14.69
CA GLU A 150 0.56 -2.58 15.12
C GLU A 150 0.73 -1.07 15.01
N VAL A 151 1.97 -0.57 15.06
CA VAL A 151 2.19 0.86 14.85
C VAL A 151 1.80 1.26 13.44
N VAL A 152 1.90 0.33 12.48
CA VAL A 152 1.36 0.59 11.15
C VAL A 152 -0.16 0.67 11.20
N LYS A 153 -0.79 -0.24 11.95
CA LYS A 153 -2.23 -0.14 12.18
C LYS A 153 -2.57 1.14 12.95
N LYS A 154 -1.72 1.54 13.89
CA LYS A 154 -1.98 2.74 14.67
C LYS A 154 -1.90 4.00 13.81
N PHE A 155 -0.91 4.07 12.92
CA PHE A 155 -0.81 5.22 12.03
C PHE A 155 -1.95 5.22 11.01
N PHE A 156 -2.37 4.03 10.55
CA PHE A 156 -3.48 3.96 9.62
C PHE A 156 -4.78 4.44 10.25
N GLU A 157 -4.94 4.21 11.55
CA GLU A 157 -6.15 4.67 12.23
C GLU A 157 -6.13 6.17 12.45
N VAL A 158 -4.97 6.72 12.84
CA VAL A 158 -4.87 8.17 13.03
C VAL A 158 -5.13 8.91 11.73
N ILE A 159 -4.73 8.33 10.60
CA ILE A 159 -5.04 8.93 9.31
C ILE A 159 -6.52 8.79 8.99
N LYS A 160 -7.09 7.61 9.24
CA LYS A 160 -8.51 7.39 8.99
C LYS A 160 -9.37 8.34 9.80
N GLN A 161 -8.97 8.62 11.04
CA GLN A 161 -9.72 9.54 11.89
C GLN A 161 -9.44 10.99 11.52
N ALA A 162 -8.25 11.30 11.02
CA ALA A 162 -7.96 12.66 10.58
C ALA A 162 -8.76 13.02 9.33
N VAL A 163 -9.07 12.03 8.48
CA VAL A 163 -9.93 12.28 7.33
C VAL A 163 -11.32 12.68 7.78
N GLU A 164 -11.85 12.00 8.81
CA GLU A 164 -13.16 12.34 9.33
C GLU A 164 -13.14 13.68 10.05
N ASP A 165 -12.03 13.97 10.75
CA ASP A 165 -11.87 15.25 11.43
C ASP A 165 -11.41 16.33 10.46
N ALA A 166 -12.13 16.48 9.34
CA ALA A 166 -11.81 17.49 8.36
C ALA A 166 -12.96 18.45 8.07
N GLY A 167 -14.16 18.16 8.55
CA GLY A 167 -15.31 19.00 8.26
C GLY A 167 -15.67 19.04 6.79
N ASN A 168 -15.35 17.97 6.04
CA ASN A 168 -15.57 17.90 4.60
C ASN A 168 -14.83 19.02 3.84
N ASN A 169 -13.75 19.52 4.43
CA ASN A 169 -12.96 20.60 3.84
C ASN A 169 -11.97 20.00 2.86
N PRO A 170 -12.15 20.21 1.55
CA PRO A 170 -11.20 19.64 0.59
C PRO A 170 -9.82 20.24 0.66
N ILE A 171 -9.68 21.46 1.19
CA ILE A 171 -8.36 22.09 1.29
C ILE A 171 -7.47 21.33 2.27
N PHE A 172 -8.01 21.02 3.45
CA PHE A 172 -7.22 20.35 4.46
C PHE A 172 -6.94 18.89 4.10
N LEU A 173 -7.85 18.25 3.37
CA LEU A 173 -7.60 16.87 2.93
C LEU A 173 -6.47 16.81 1.91
N LYS A 174 -6.39 17.81 1.02
CA LYS A 174 -5.28 17.87 0.08
C LYS A 174 -3.97 18.17 0.81
N LEU A 175 -4.02 19.02 1.84
CA LEU A 175 -2.83 19.29 2.63
C LEU A 175 -2.42 18.06 3.44
N LEU A 176 -3.40 17.33 3.99
CA LEU A 176 -3.09 16.10 4.71
C LEU A 176 -2.46 15.06 3.78
N GLU A 177 -2.84 15.08 2.50
CA GLU A 177 -2.23 14.18 1.52
C GLU A 177 -0.76 14.53 1.30
N LYS A 178 -0.46 15.82 1.07
CA LYS A 178 0.89 16.26 0.80
C LYS A 178 1.81 16.14 2.01
N ILE A 179 1.27 15.90 3.20
CA ILE A 179 2.09 15.74 4.39
C ILE A 179 2.51 14.29 4.59
N ILE A 180 1.58 13.35 4.42
CA ILE A 180 1.86 11.94 4.69
C ILE A 180 2.56 11.25 3.52
N LEU A 181 2.34 11.73 2.29
CA LEU A 181 2.98 11.10 1.14
C LEU A 181 4.48 11.39 1.07
N ASP A 182 4.93 12.49 1.65
CA ASP A 182 6.34 12.79 1.68
C ASP A 182 7.05 11.77 2.56
N PRO A 183 7.92 10.91 2.01
CA PRO A 183 8.51 9.84 2.83
C PRO A 183 9.31 10.34 4.02
N GLU A 184 9.86 11.56 3.95
CA GLU A 184 10.61 12.09 5.08
C GLU A 184 9.68 12.41 6.25
N ARG A 185 8.54 13.04 5.97
CA ARG A 185 7.54 13.28 7.00
C ARG A 185 6.75 12.04 7.36
N PHE A 186 6.64 11.09 6.44
CA PHE A 186 5.89 9.86 6.72
C PHE A 186 6.55 9.07 7.85
N LYS A 187 7.88 8.96 7.82
CA LYS A 187 8.58 8.21 8.86
C LYS A 187 8.64 8.98 10.17
N LYS A 188 8.62 10.32 10.11
CA LYS A 188 8.60 11.11 11.33
C LYS A 188 7.28 10.95 12.07
N LEU A 189 6.16 10.84 11.34
CA LEU A 189 4.89 10.57 11.97
C LEU A 189 4.82 9.13 12.48
N LEU A 190 5.44 8.19 11.78
CA LEU A 190 5.54 6.83 12.29
C LEU A 190 6.43 6.77 13.52
N GLU A 191 7.47 7.62 13.58
CA GLU A 191 8.34 7.63 14.75
C GLU A 191 7.62 8.16 15.98
N LYS A 192 6.77 9.18 15.81
CA LYS A 192 6.07 9.74 16.95
C LYS A 192 4.94 8.83 17.43
N VAL A 193 4.40 8.00 16.53
CA VAL A 193 3.40 7.02 16.97
C VAL A 193 4.06 5.86 17.68
N GLU A 194 5.29 5.49 17.27
CA GLU A 194 5.99 4.38 17.91
C GLU A 194 6.46 4.73 19.31
N VAL A 195 6.60 6.01 19.64
CA VAL A 195 7.04 6.40 20.97
C VAL A 195 5.88 6.69 21.91
N GLY A 196 4.67 6.88 21.39
CA GLY A 196 3.50 7.04 22.23
C GLY A 196 2.69 8.29 21.96
N GLU A 197 3.22 9.19 21.14
CA GLU A 197 2.55 10.45 20.84
C GLU A 197 1.41 10.31 19.84
N GLU A 198 0.60 9.25 19.96
CA GLU A 198 -0.52 9.06 19.05
C GLU A 198 -1.55 10.17 19.13
N GLU A 199 -1.60 10.88 20.26
CA GLU A 199 -2.51 12.01 20.42
C GLU A 199 -1.85 13.35 20.12
N GLU A 200 -0.52 13.44 20.21
CA GLU A 200 0.16 14.69 19.91
C GLU A 200 0.31 14.91 18.42
N VAL A 201 0.47 13.83 17.64
CA VAL A 201 0.45 13.96 16.18
C VAL A 201 -0.91 14.46 15.73
N LYS A 202 -1.98 13.96 16.34
CA LYS A 202 -3.32 14.47 16.06
C LYS A 202 -3.47 15.92 16.51
N ALA A 203 -2.76 16.32 17.57
CA ALA A 203 -2.85 17.70 18.03
C ALA A 203 -2.34 18.69 16.99
N GLU A 204 -1.45 18.25 16.11
CA GLU A 204 -0.96 19.10 15.02
C GLU A 204 -1.88 19.09 13.81
N PHE A 205 -2.63 18.01 13.61
CA PHE A 205 -3.62 17.98 12.52
C PHE A 205 -4.74 18.97 12.77
N LYS A 206 -5.20 19.09 14.01
CA LYS A 206 -6.16 20.13 14.35
C LYS A 206 -5.54 21.51 14.18
N GLU A 207 -4.26 21.65 14.52
CA GLU A 207 -3.57 22.93 14.35
C GLU A 207 -3.56 23.36 12.89
N ILE A 208 -3.32 22.42 11.98
CA ILE A 208 -3.31 22.74 10.55
C ILE A 208 -4.73 22.99 10.05
N LYS A 209 -5.69 22.20 10.53
CA LYS A 209 -7.08 22.40 10.12
C LYS A 209 -7.61 23.74 10.61
N LYS A 210 -7.24 24.14 11.82
CA LYS A 210 -7.62 25.46 12.32
C LYS A 210 -7.01 26.56 11.47
N ALA A 211 -5.77 26.37 11.03
CA ALA A 211 -5.13 27.34 10.15
C ALA A 211 -5.82 27.42 8.79
N VAL A 212 -6.30 26.29 8.28
CA VAL A 212 -7.01 26.31 7.00
C VAL A 212 -8.31 27.12 7.14
N GLU A 213 -9.05 26.89 8.22
CA GLU A 213 -10.30 27.61 8.41
C GLU A 213 -10.06 29.07 8.79
N GLU A 214 -8.90 29.38 9.38
CA GLU A 214 -8.60 30.78 9.69
C GLU A 214 -8.45 31.60 8.41
N ALA A 215 -7.54 31.18 7.54
CA ALA A 215 -7.37 31.86 6.25
C ALA A 215 -8.62 31.71 5.40
N GLY A 216 -9.05 30.47 5.18
CA GLY A 216 -10.32 30.21 4.52
C GLY A 216 -10.36 30.60 3.06
N ASN A 217 -11.27 31.52 2.71
CA ASN A 217 -11.58 31.82 1.33
C ASN A 217 -10.56 32.74 0.67
N ASP A 218 -9.33 32.77 1.16
CA ASP A 218 -8.30 33.61 0.55
C ASP A 218 -7.22 32.71 -0.04
N PRO A 219 -7.09 32.64 -1.37
CA PRO A 219 -6.07 31.76 -1.96
C PRO A 219 -4.65 32.23 -1.72
N ILE A 220 -4.44 33.50 -1.39
CA ILE A 220 -3.09 33.96 -1.07
C ILE A 220 -2.75 33.63 0.38
N LYS A 221 -3.70 33.80 1.29
CA LYS A 221 -3.46 33.44 2.69
C LYS A 221 -3.26 31.94 2.85
N LEU A 222 -3.81 31.13 1.94
CA LEU A 222 -3.61 29.69 2.01
C LEU A 222 -2.28 29.25 1.42
N LYS A 223 -1.75 30.03 0.47
CA LYS A 223 -0.46 29.68 -0.12
C LYS A 223 0.66 29.75 0.91
N GLU A 224 0.59 30.73 1.81
CA GLU A 224 1.58 30.82 2.88
C GLU A 224 1.48 29.64 3.83
N LEU A 225 0.28 29.14 4.08
CA LEU A 225 0.12 27.99 4.97
C LEU A 225 0.80 26.75 4.38
N GLU A 226 0.66 26.55 3.07
CA GLU A 226 1.39 25.47 2.42
C GLU A 226 2.89 25.75 2.36
N GLU A 227 3.30 27.01 2.48
CA GLU A 227 4.72 27.34 2.55
C GLU A 227 5.29 27.09 3.94
N LYS A 228 4.47 27.21 4.98
CA LYS A 228 4.93 27.06 6.36
C LYS A 228 5.32 25.62 6.72
N LEU A 229 5.37 24.67 5.81
CA LEU A 229 5.81 23.32 6.14
C LEU A 229 7.34 23.24 6.13
#